data_6M6P
#
_entry.id   6M6P
#
_cell.length_a   66.998
_cell.length_b   95.644
_cell.length_c   72.989
_cell.angle_alpha   90.000
_cell.angle_beta   90.000
_cell.angle_gamma   90.000
#
_symmetry.space_group_name_H-M   'C 2 2 21'
#
loop_
_entity.id
_entity.type
_entity.pdbx_description
1 polymer laminarinase
2 branched beta-D-glucopyranose-(1-4)-beta-D-glucopyranose-(1-4)-beta-D-glucopyranose-(1-3)-alpha-D-glucopyranose
3 non-polymer 'CALCIUM ION'
4 water water
#
_entity_poly.entity_id   1
_entity_poly.type   'polypeptide(L)'
_entity_poly.pdbx_seq_one_letter_code
;MQNWTLVWQDEFTNGISSDWVFETGNGNSGWGNNELQYYRRENATVENGNLVITAKRESIGGYNYTSTRMKTQGRKSWKY
GKVEARIAMPSFMGSWPAFWMLGDNISSVGWPACGAIDIMEHVNTEAQTHGTIHWQDHNNTYANYSGSIPVSSVTSYHIY
TIEWDASVIKWFVDGNLYHEASIANGVNGTSEFHNNFFILLNMAIGGNWPGFNIDNNAFPARMLVDYVRVYQKTDLEHHH
HHH
;
_entity_poly.pdbx_strand_id   A
#
loop_
_chem_comp.id
_chem_comp.type
_chem_comp.name
_chem_comp.formula
BGC D-saccharide, beta linking beta-D-glucopyranose 'C6 H12 O6'
CA non-polymer 'CALCIUM ION' 'Ca 2'
GLC D-saccharide, alpha linking alpha-D-glucopyranose 'C6 H12 O6'
#
# COMPACT_ATOMS: atom_id res chain seq x y z
N ASN A 3 2.01 20.44 17.17
CA ASN A 3 2.73 19.14 17.07
C ASN A 3 1.88 18.08 16.35
N TRP A 4 2.59 17.15 15.71
CA TRP A 4 2.04 15.84 15.29
C TRP A 4 1.68 15.06 16.56
N THR A 5 0.45 14.59 16.68
CA THR A 5 0.04 13.71 17.81
C THR A 5 -0.24 12.32 17.24
N LEU A 6 0.44 11.30 17.77
CA LEU A 6 0.14 9.88 17.41
C LEU A 6 -1.30 9.55 17.79
N VAL A 7 -2.10 9.03 16.86
CA VAL A 7 -3.52 8.68 17.15
C VAL A 7 -3.77 7.20 16.88
N TRP A 8 -2.88 6.49 16.20
CA TRP A 8 -3.05 5.03 16.00
C TRP A 8 -1.71 4.41 15.61
N GLN A 9 -1.51 3.14 15.96
CA GLN A 9 -0.28 2.41 15.58
C GLN A 9 -0.51 0.91 15.64
N ASP A 10 0.22 0.17 14.84
CA ASP A 10 0.55 -1.24 15.12
C ASP A 10 2.08 -1.38 15.15
N GLU A 11 2.65 -1.76 16.29
CA GLU A 11 4.10 -2.02 16.44
C GLU A 11 4.35 -3.50 16.21
N PHE A 12 3.29 -4.31 16.07
CA PHE A 12 3.37 -5.77 15.84
C PHE A 12 4.18 -6.45 16.97
N THR A 13 4.21 -5.85 18.16
CA THR A 13 5.09 -6.27 19.27
C THR A 13 4.58 -7.60 19.82
N ASN A 14 3.30 -7.68 20.20
CA ASN A 14 2.70 -9.00 20.55
C ASN A 14 2.45 -9.77 19.23
N GLY A 15 1.27 -9.62 18.63
CA GLY A 15 0.95 -10.10 17.28
C GLY A 15 0.33 -8.98 16.45
N ILE A 16 -0.57 -9.33 15.54
CA ILE A 16 -1.21 -8.35 14.62
C ILE A 16 -2.44 -7.77 15.31
N SER A 17 -2.56 -6.46 15.27
CA SER A 17 -3.69 -5.69 15.86
C SER A 17 -5.01 -6.20 15.28
N SER A 18 -6.02 -6.37 16.13
CA SER A 18 -7.38 -6.76 15.70
C SER A 18 -7.99 -5.65 14.83
N ASP A 19 -7.28 -4.54 14.64
CA ASP A 19 -7.71 -3.45 13.72
C ASP A 19 -7.52 -3.84 12.25
N TRP A 20 -6.72 -4.88 11.97
CA TRP A 20 -6.48 -5.36 10.59
C TRP A 20 -7.52 -6.39 10.21
N VAL A 21 -8.01 -6.32 8.99
CA VAL A 21 -8.85 -7.38 8.36
C VAL A 21 -8.09 -7.94 7.15
N PHE A 22 -8.26 -9.22 6.84
CA PHE A 22 -7.51 -9.95 5.79
C PHE A 22 -8.44 -10.33 4.65
N GLU A 23 -8.00 -10.03 3.43
CA GLU A 23 -8.72 -10.44 2.19
C GLU A 23 -8.34 -11.87 1.87
N THR A 24 -9.24 -12.56 1.17
CA THR A 24 -9.02 -13.94 0.72
C THR A 24 -9.21 -13.98 -0.78
N GLY A 25 -8.30 -14.68 -1.49
CA GLY A 25 -8.49 -15.01 -2.90
C GLY A 25 -7.92 -13.97 -3.86
N ASN A 26 -8.37 -14.03 -5.11
CA ASN A 26 -7.79 -13.33 -6.27
C ASN A 26 -8.66 -12.14 -6.65
N GLY A 27 -9.81 -11.96 -5.97
CA GLY A 27 -10.70 -10.80 -6.17
C GLY A 27 -11.30 -10.79 -7.56
N ASN A 28 -11.63 -9.61 -8.10
CA ASN A 28 -12.30 -9.51 -9.42
C ASN A 28 -11.22 -9.19 -10.47
N SER A 29 -10.99 -10.11 -11.40
CA SER A 29 -9.93 -10.05 -12.46
C SER A 29 -8.59 -9.70 -11.82
N GLY A 30 -8.19 -10.44 -10.78
CA GLY A 30 -6.88 -10.26 -10.12
C GLY A 30 -6.82 -8.94 -9.35
N TRP A 31 -7.84 -8.64 -8.54
CA TRP A 31 -7.97 -7.40 -7.72
C TRP A 31 -7.95 -6.17 -8.63
N GLY A 32 -8.51 -6.28 -9.84
CA GLY A 32 -8.58 -5.19 -10.83
C GLY A 32 -7.36 -5.10 -11.73
N ASN A 33 -6.30 -5.88 -11.47
CA ASN A 33 -4.96 -5.64 -12.08
C ASN A 33 -4.43 -6.90 -12.76
N ASN A 34 -5.24 -7.95 -12.91
CA ASN A 34 -4.82 -9.27 -13.45
C ASN A 34 -3.67 -9.84 -12.60
N GLU A 35 -3.68 -9.59 -11.30
CA GLU A 35 -2.71 -10.16 -10.33
C GLU A 35 -2.89 -11.68 -10.27
N LEU A 36 -1.85 -12.41 -9.90
CA LEU A 36 -1.84 -13.89 -9.99
C LEU A 36 -1.97 -14.53 -8.61
N GLN A 37 -1.95 -13.74 -7.53
CA GLN A 37 -1.90 -14.33 -6.17
C GLN A 37 -3.33 -14.54 -5.65
N TYR A 38 -3.44 -15.51 -4.75
CA TYR A 38 -4.60 -15.78 -3.89
C TYR A 38 -4.24 -15.36 -2.48
N TYR A 39 -4.90 -14.33 -1.96
CA TYR A 39 -4.58 -13.78 -0.62
C TYR A 39 -5.14 -14.74 0.45
N ARG A 40 -4.35 -14.91 1.50
CA ARG A 40 -4.69 -15.74 2.67
C ARG A 40 -4.23 -15.07 3.96
N ARG A 41 -4.89 -15.42 5.06
CA ARG A 41 -4.49 -15.01 6.42
C ARG A 41 -3.17 -15.69 6.79
N GLU A 42 -2.93 -16.93 6.37
CA GLU A 42 -1.78 -17.73 6.85
C GLU A 42 -0.47 -17.15 6.30
N ASN A 43 -0.51 -16.23 5.32
CA ASN A 43 0.75 -15.71 4.73
C ASN A 43 1.28 -14.55 5.58
N ALA A 44 0.53 -14.12 6.59
CA ALA A 44 0.98 -13.10 7.55
C ALA A 44 1.32 -13.74 8.90
N THR A 45 2.53 -13.50 9.37
CA THR A 45 3.04 -13.95 10.69
C THR A 45 3.74 -12.77 11.36
N VAL A 46 4.20 -12.98 12.58
CA VAL A 46 5.01 -11.98 13.31
C VAL A 46 6.29 -12.68 13.76
N GLU A 47 7.43 -12.02 13.58
CA GLU A 47 8.73 -12.47 14.11
C GLU A 47 9.44 -11.25 14.71
N ASN A 48 9.82 -11.33 15.98
CA ASN A 48 10.65 -10.33 16.68
C ASN A 48 10.11 -8.91 16.40
N GLY A 49 8.82 -8.69 16.62
CA GLY A 49 8.26 -7.33 16.61
C GLY A 49 8.00 -6.84 15.19
N ASN A 50 8.11 -7.71 14.18
CA ASN A 50 7.85 -7.34 12.76
C ASN A 50 6.69 -8.16 12.20
N LEU A 51 5.80 -7.52 11.45
CA LEU A 51 4.87 -8.22 10.54
C LEU A 51 5.70 -8.85 9.42
N VAL A 52 5.37 -10.08 9.04
CA VAL A 52 6.04 -10.80 7.92
C VAL A 52 4.95 -11.21 6.94
N ILE A 53 4.96 -10.63 5.74
CA ILE A 53 4.07 -11.09 4.64
C ILE A 53 4.93 -11.95 3.72
N THR A 54 4.69 -13.25 3.74
CA THR A 54 5.44 -14.22 2.91
C THR A 54 4.61 -14.47 1.66
N ALA A 55 5.20 -14.26 0.50
CA ALA A 55 4.60 -14.69 -0.76
C ALA A 55 5.17 -16.08 -1.09
N LYS A 56 4.29 -17.01 -1.42
CA LYS A 56 4.72 -18.40 -1.69
C LYS A 56 4.22 -18.87 -3.05
N ARG A 57 5.05 -19.72 -3.64
CA ARG A 57 4.67 -20.60 -4.74
C ARG A 57 3.84 -21.75 -4.16
N GLU A 58 2.53 -21.60 -4.22
CA GLU A 58 1.56 -22.46 -3.50
C GLU A 58 0.24 -22.33 -4.23
N SER A 59 -0.37 -23.47 -4.56
CA SER A 59 -1.58 -23.56 -5.40
C SER A 59 -2.81 -23.69 -4.52
N ILE A 60 -3.82 -22.88 -4.81
CA ILE A 60 -5.14 -22.92 -4.13
C ILE A 60 -6.14 -22.16 -5.01
N GLY A 61 -7.36 -22.68 -5.10
CA GLY A 61 -8.49 -22.01 -5.78
C GLY A 61 -8.20 -21.71 -7.24
N GLY A 62 -7.32 -22.48 -7.88
CA GLY A 62 -6.93 -22.28 -9.30
C GLY A 62 -5.84 -21.22 -9.50
N TYR A 63 -5.12 -20.84 -8.44
CA TYR A 63 -4.01 -19.87 -8.49
C TYR A 63 -2.76 -20.53 -7.92
N ASN A 64 -1.60 -19.94 -8.17
CA ASN A 64 -0.31 -20.65 -8.06
C ASN A 64 0.62 -19.88 -7.15
N TYR A 65 0.13 -18.77 -6.59
CA TYR A 65 0.89 -17.96 -5.61
C TYR A 65 -0.08 -17.51 -4.52
N THR A 66 0.46 -17.37 -3.33
CA THR A 66 -0.27 -16.85 -2.17
C THR A 66 0.55 -15.75 -1.54
N SER A 67 -0.13 -14.81 -0.96
CA SER A 67 0.46 -13.72 -0.17
C SER A 67 -0.65 -13.20 0.74
N THR A 68 -0.41 -12.07 1.37
CA THR A 68 -1.36 -11.40 2.27
C THR A 68 -1.76 -10.05 1.67
N ARG A 69 -3.03 -9.69 1.87
CA ARG A 69 -3.54 -8.32 1.70
C ARG A 69 -4.33 -7.99 2.95
N MET A 70 -3.87 -7.03 3.74
CA MET A 70 -4.56 -6.68 5.00
C MET A 70 -4.92 -5.20 4.96
N LYS A 71 -6.04 -4.85 5.57
CA LYS A 71 -6.60 -3.50 5.52
C LYS A 71 -7.18 -3.12 6.87
N THR A 72 -7.26 -1.84 7.10
CA THR A 72 -7.71 -1.26 8.37
C THR A 72 -9.21 -0.94 8.24
N GLN A 73 -9.81 -1.23 7.07
CA GLN A 73 -11.18 -0.84 6.65
C GLN A 73 -12.24 -1.31 7.68
N GLY A 74 -13.15 -0.41 8.03
CA GLY A 74 -14.30 -0.69 8.89
C GLY A 74 -13.90 -0.70 10.36
N ARG A 75 -12.62 -0.56 10.66
CA ARG A 75 -12.12 -0.47 12.05
C ARG A 75 -11.47 0.89 12.27
N LYS A 76 -10.55 1.33 11.39
CA LYS A 76 -9.80 2.60 11.58
C LYS A 76 -9.69 3.35 10.26
N SER A 77 -10.01 4.63 10.26
CA SER A 77 -9.79 5.50 9.07
C SER A 77 -9.57 6.92 9.53
N TRP A 78 -8.96 7.73 8.67
CA TRP A 78 -8.51 9.10 9.01
C TRP A 78 -8.73 10.04 7.82
N LYS A 79 -8.97 11.30 8.16
CA LYS A 79 -8.99 12.44 7.22
C LYS A 79 -7.84 13.35 7.63
N TYR A 80 -6.84 13.46 6.74
CA TYR A 80 -5.58 14.22 6.97
C TYR A 80 -4.70 13.50 8.00
N GLY A 81 -3.40 13.76 7.93
CA GLY A 81 -2.43 13.36 8.96
C GLY A 81 -1.14 12.84 8.36
N LYS A 82 -0.24 12.39 9.23
CA LYS A 82 1.05 11.79 8.83
C LYS A 82 0.87 10.27 8.93
N VAL A 83 1.02 9.56 7.82
CA VAL A 83 0.85 8.08 7.74
C VAL A 83 2.17 7.46 7.33
N GLU A 84 2.63 6.47 8.07
CA GLU A 84 4.04 6.09 8.01
C GLU A 84 4.20 4.60 8.30
N ALA A 85 5.13 3.96 7.62
CA ALA A 85 5.52 2.57 7.92
C ALA A 85 7.00 2.41 7.62
N ARG A 86 7.66 1.60 8.46
CA ARG A 86 9.06 1.16 8.27
C ARG A 86 9.03 -0.24 7.67
N ILE A 87 9.52 -0.36 6.44
CA ILE A 87 9.29 -1.55 5.57
C ILE A 87 10.62 -2.03 4.98
N ALA A 88 10.80 -3.34 4.95
CA ALA A 88 11.84 -4.00 4.13
C ALA A 88 11.14 -5.00 3.22
N MET A 89 11.35 -4.90 1.91
CA MET A 89 10.53 -5.62 0.92
C MET A 89 11.45 -6.35 -0.05
N PRO A 90 10.98 -7.48 -0.61
CA PRO A 90 11.78 -8.23 -1.56
C PRO A 90 11.87 -7.48 -2.89
N SER A 91 12.83 -7.89 -3.70
CA SER A 91 13.07 -7.35 -5.05
C SER A 91 13.35 -8.53 -5.99
N PHE A 92 12.41 -8.82 -6.87
CA PHE A 92 12.47 -9.92 -7.84
C PHE A 92 11.39 -9.70 -8.90
N MET A 93 11.58 -10.31 -10.05
CA MET A 93 10.67 -10.12 -11.21
C MET A 93 9.27 -10.66 -10.85
N GLY A 94 8.25 -9.81 -11.00
CA GLY A 94 6.85 -10.16 -10.72
C GLY A 94 6.39 -9.57 -9.40
N SER A 95 7.30 -9.15 -8.52
CA SER A 95 6.91 -8.68 -7.17
C SER A 95 6.21 -7.32 -7.29
N TRP A 96 5.30 -7.05 -6.38
CA TRP A 96 4.53 -5.79 -6.35
C TRP A 96 4.00 -5.54 -4.94
N PRO A 97 4.90 -5.29 -3.95
CA PRO A 97 4.51 -4.78 -2.63
C PRO A 97 3.98 -3.35 -2.66
N ALA A 98 3.06 -3.07 -1.73
CA ALA A 98 2.33 -1.80 -1.66
C ALA A 98 1.93 -1.49 -0.22
N PHE A 99 2.06 -0.23 0.14
CA PHE A 99 1.56 0.38 1.38
C PHE A 99 0.76 1.61 0.99
N TRP A 100 -0.54 1.60 1.19
CA TRP A 100 -1.44 2.55 0.50
C TRP A 100 -2.73 2.73 1.27
N MET A 101 -3.60 3.59 0.75
CA MET A 101 -4.86 3.97 1.42
C MET A 101 -5.99 4.04 0.39
N LEU A 102 -7.19 3.65 0.81
CA LEU A 102 -8.42 3.77 0.01
C LEU A 102 -9.44 4.56 0.84
N GLY A 103 -10.29 5.32 0.16
CA GLY A 103 -11.36 6.07 0.83
C GLY A 103 -12.39 5.10 1.38
N ASP A 104 -12.88 5.37 2.60
CA ASP A 104 -13.99 4.66 3.27
C ASP A 104 -15.18 4.45 2.33
N ASN A 105 -15.48 5.42 1.48
CA ASN A 105 -16.72 5.36 0.66
C ASN A 105 -16.54 4.43 -0.55
N ILE A 106 -15.45 3.65 -0.64
CA ILE A 106 -15.30 2.66 -1.75
C ILE A 106 -16.50 1.72 -1.73
N SER A 107 -17.05 1.39 -0.55
CA SER A 107 -18.23 0.49 -0.43
C SER A 107 -19.41 1.07 -1.20
N SER A 108 -19.60 2.40 -1.18
CA SER A 108 -20.71 3.09 -1.86
C SER A 108 -20.34 3.51 -3.30
N VAL A 109 -19.29 4.32 -3.46
CA VAL A 109 -18.98 5.05 -4.75
C VAL A 109 -18.02 4.23 -5.62
N GLY A 110 -17.38 3.21 -5.07
CA GLY A 110 -16.46 2.36 -5.84
C GLY A 110 -15.10 3.01 -6.13
N TRP A 111 -14.31 2.27 -6.90
CA TRP A 111 -13.02 2.74 -7.44
C TRP A 111 -13.22 3.16 -8.89
N PRO A 112 -12.64 4.30 -9.36
CA PRO A 112 -11.70 5.12 -8.60
C PRO A 112 -12.26 6.35 -7.87
N ALA A 113 -13.60 6.50 -7.80
CA ALA A 113 -14.26 7.69 -7.20
C ALA A 113 -13.81 7.85 -5.76
N CYS A 114 -13.61 6.73 -5.05
CA CYS A 114 -13.29 6.70 -3.61
C CYS A 114 -11.94 7.36 -3.36
N GLY A 115 -11.01 7.24 -4.31
CA GLY A 115 -9.65 7.78 -4.21
C GLY A 115 -8.68 6.79 -3.59
N ALA A 116 -7.42 6.78 -4.03
CA ALA A 116 -6.37 5.99 -3.37
C ALA A 116 -5.11 6.84 -3.20
N ILE A 117 -4.48 6.72 -2.04
CA ILE A 117 -3.14 7.30 -1.82
C ILE A 117 -2.16 6.14 -1.66
N ASP A 118 -1.32 5.89 -2.68
CA ASP A 118 -0.24 4.90 -2.57
C ASP A 118 0.94 5.57 -1.89
N ILE A 119 1.26 5.15 -0.65
CA ILE A 119 2.40 5.74 0.11
C ILE A 119 3.71 5.13 -0.41
N MET A 120 3.67 3.88 -0.80
CA MET A 120 4.86 3.18 -1.33
C MET A 120 4.36 2.08 -2.25
N GLU A 121 4.86 2.05 -3.48
CA GLU A 121 4.76 0.85 -4.34
C GLU A 121 6.14 0.55 -4.90
N HIS A 122 6.40 -0.72 -5.11
CA HIS A 122 7.61 -1.22 -5.78
C HIS A 122 7.20 -2.35 -6.69
N VAL A 123 7.84 -2.43 -7.86
CA VAL A 123 7.64 -3.56 -8.80
C VAL A 123 9.00 -4.12 -9.19
N ASN A 124 9.06 -5.44 -9.35
CA ASN A 124 10.18 -6.12 -10.05
C ASN A 124 11.45 -5.89 -9.25
N THR A 125 12.54 -5.50 -9.90
CA THR A 125 13.83 -5.24 -9.24
C THR A 125 14.18 -3.76 -9.43
N GLU A 126 13.20 -2.89 -9.64
CA GLU A 126 13.54 -1.44 -9.82
C GLU A 126 14.32 -0.91 -8.60
N ALA A 127 15.31 -0.06 -8.85
CA ALA A 127 16.11 0.63 -7.81
C ALA A 127 15.46 1.96 -7.43
N GLN A 128 14.12 1.98 -7.36
CA GLN A 128 13.32 3.16 -6.93
C GLN A 128 12.00 2.67 -6.33
N THR A 129 11.29 3.58 -5.67
CA THR A 129 9.91 3.36 -5.16
C THR A 129 9.04 4.54 -5.58
N HIS A 130 7.74 4.29 -5.63
CA HIS A 130 6.74 5.20 -6.23
C HIS A 130 5.72 5.70 -5.18
N GLY A 131 5.24 6.92 -5.37
CA GLY A 131 4.10 7.49 -4.63
C GLY A 131 3.08 8.01 -5.61
N THR A 132 1.81 7.68 -5.42
CA THR A 132 0.76 8.01 -6.41
C THR A 132 -0.55 8.36 -5.72
N ILE A 133 -1.33 9.24 -6.35
CA ILE A 133 -2.77 9.35 -6.02
C ILE A 133 -3.57 8.92 -7.25
N HIS A 134 -4.72 8.29 -7.01
CA HIS A 134 -5.66 7.81 -8.03
C HIS A 134 -7.04 8.40 -7.71
N TRP A 135 -7.78 8.87 -8.72
CA TRP A 135 -9.11 9.47 -8.47
C TRP A 135 -9.90 9.67 -9.77
N GLN A 136 -11.10 10.21 -9.63
CA GLN A 136 -12.01 10.67 -10.72
C GLN A 136 -12.04 12.20 -10.71
N ASP A 137 -11.54 12.85 -11.76
CA ASP A 137 -11.44 14.33 -11.80
C ASP A 137 -12.84 14.93 -12.06
N HIS A 138 -12.95 16.25 -12.02
CA HIS A 138 -14.25 16.97 -12.08
C HIS A 138 -14.92 16.72 -13.42
N ASN A 139 -14.22 16.16 -14.42
CA ASN A 139 -14.84 15.70 -15.69
C ASN A 139 -15.22 14.22 -15.63
N ASN A 140 -15.00 13.57 -14.47
CA ASN A 140 -15.33 12.14 -14.23
C ASN A 140 -14.42 11.27 -15.12
N THR A 141 -13.15 11.68 -15.25
CA THR A 141 -12.10 10.89 -15.94
C THR A 141 -11.20 10.28 -14.86
N TYR A 142 -10.76 9.05 -15.08
CA TYR A 142 -9.79 8.39 -14.18
C TYR A 142 -8.47 9.13 -14.33
N ALA A 143 -7.87 9.52 -13.20
CA ALA A 143 -6.68 10.38 -13.12
C ALA A 143 -5.71 9.81 -12.09
N ASN A 144 -4.42 9.90 -12.35
CA ASN A 144 -3.37 9.62 -11.33
C ASN A 144 -2.17 10.54 -11.56
N TYR A 145 -1.41 10.74 -10.49
CA TYR A 145 -0.27 11.68 -10.48
C TYR A 145 0.79 11.02 -9.62
N SER A 146 1.91 10.64 -10.21
CA SER A 146 2.92 9.77 -9.58
C SER A 146 4.31 10.41 -9.60
N GLY A 147 5.11 10.07 -8.58
CA GLY A 147 6.52 10.43 -8.49
C GLY A 147 7.31 9.28 -7.93
N SER A 148 8.63 9.35 -8.05
CA SER A 148 9.51 8.28 -7.57
C SER A 148 10.78 8.87 -6.97
N ILE A 149 11.49 8.05 -6.19
CA ILE A 149 12.79 8.41 -5.60
C ILE A 149 13.71 7.22 -5.76
N PRO A 150 15.00 7.43 -6.10
CA PRO A 150 15.99 6.35 -6.08
C PRO A 150 16.12 5.70 -4.70
N VAL A 151 16.07 4.37 -4.68
CA VAL A 151 16.29 3.54 -3.46
C VAL A 151 17.13 2.35 -3.90
N SER A 152 18.40 2.31 -3.49
CA SER A 152 19.38 1.29 -3.96
CA SER A 152 19.37 1.29 -3.97
C SER A 152 19.11 -0.04 -3.27
N SER A 153 18.52 -0.02 -2.08
CA SER A 153 18.33 -1.27 -1.30
C SER A 153 16.92 -1.30 -0.68
N VAL A 154 15.91 -1.63 -1.48
CA VAL A 154 14.52 -1.70 -0.97
C VAL A 154 14.42 -2.86 0.03
N THR A 155 15.37 -3.79 -0.03
CA THR A 155 15.40 -5.01 0.81
C THR A 155 15.89 -4.68 2.21
N SER A 156 16.43 -3.48 2.43
CA SER A 156 16.72 -2.96 3.80
C SER A 156 15.54 -2.11 4.27
N TYR A 157 15.43 -1.91 5.58
CA TYR A 157 14.38 -1.06 6.15
C TYR A 157 14.53 0.36 5.60
N HIS A 158 13.42 0.91 5.11
CA HIS A 158 13.25 2.35 4.87
C HIS A 158 11.95 2.83 5.50
N ILE A 159 11.86 4.13 5.75
CA ILE A 159 10.61 4.74 6.28
C ILE A 159 9.84 5.41 5.14
N TYR A 160 8.61 4.95 4.89
CA TYR A 160 7.73 5.46 3.81
C TYR A 160 6.58 6.25 4.43
N THR A 161 6.47 7.50 4.04
CA THR A 161 5.68 8.49 4.78
C THR A 161 4.87 9.34 3.82
N ILE A 162 3.62 9.61 4.18
CA ILE A 162 2.92 10.78 3.59
C ILE A 162 2.65 11.78 4.72
N GLU A 163 2.61 13.07 4.34
CA GLU A 163 1.99 14.15 5.15
C GLU A 163 0.79 14.64 4.36
N TRP A 164 -0.35 14.78 5.02
CA TRP A 164 -1.64 15.00 4.31
C TRP A 164 -2.49 16.03 5.06
N ASP A 165 -2.79 17.17 4.43
CA ASP A 165 -3.65 18.21 5.03
C ASP A 165 -4.63 18.71 3.95
N ALA A 166 -5.41 19.73 4.28
CA ALA A 166 -6.47 20.28 3.40
C ALA A 166 -5.83 20.92 2.16
N SER A 167 -4.53 21.22 2.19
CA SER A 167 -3.82 21.85 1.06
C SER A 167 -3.16 20.83 0.14
N VAL A 168 -2.51 19.82 0.71
CA VAL A 168 -1.44 19.09 -0.04
C VAL A 168 -1.28 17.70 0.51
N ILE A 169 -0.81 16.79 -0.35
CA ILE A 169 -0.21 15.50 0.08
C ILE A 169 1.27 15.55 -0.31
N LYS A 170 2.15 15.14 0.60
CA LYS A 170 3.60 15.01 0.34
C LYS A 170 4.03 13.58 0.60
N TRP A 171 5.00 13.10 -0.16
CA TRP A 171 5.57 11.74 -0.02
C TRP A 171 7.04 11.86 0.38
N PHE A 172 7.46 10.99 1.28
CA PHE A 172 8.85 10.96 1.81
C PHE A 172 9.32 9.51 1.81
N VAL A 173 10.63 9.33 1.64
CA VAL A 173 11.36 8.09 1.98
C VAL A 173 12.55 8.49 2.87
N ASP A 174 12.58 7.98 4.10
CA ASP A 174 13.63 8.30 5.09
C ASP A 174 13.68 9.82 5.31
N GLY A 175 12.56 10.54 5.15
CA GLY A 175 12.54 11.98 5.42
C GLY A 175 12.81 12.82 4.18
N ASN A 176 13.09 12.19 3.04
CA ASN A 176 13.42 12.94 1.80
C ASN A 176 12.15 13.14 0.99
N LEU A 177 11.68 14.37 0.89
CA LEU A 177 10.53 14.75 0.05
C LEU A 177 10.84 14.38 -1.40
N TYR A 178 9.94 13.69 -2.10
CA TYR A 178 10.22 13.37 -3.52
C TYR A 178 8.97 13.59 -4.39
N HIS A 179 7.78 13.67 -3.82
CA HIS A 179 6.54 13.82 -4.61
C HIS A 179 5.56 14.66 -3.80
N GLU A 180 4.72 15.39 -4.49
CA GLU A 180 3.79 16.32 -3.83
C GLU A 180 2.57 16.52 -4.74
N ALA A 181 1.42 16.80 -4.18
CA ALA A 181 0.18 16.95 -4.95
C ALA A 181 -0.74 17.92 -4.20
N SER A 182 -1.17 18.98 -4.86
CA SER A 182 -2.18 19.90 -4.29
C SER A 182 -3.57 19.24 -4.33
N ILE A 183 -4.27 19.30 -3.20
CA ILE A 183 -5.73 18.97 -3.12
C ILE A 183 -6.51 20.20 -2.65
N ALA A 184 -5.87 21.36 -2.60
CA ALA A 184 -6.51 22.62 -2.15
C ALA A 184 -7.70 22.89 -3.07
N ASN A 185 -8.86 23.15 -2.47
CA ASN A 185 -10.16 23.45 -3.12
C ASN A 185 -10.55 22.38 -4.15
N GLY A 186 -10.05 21.17 -3.97
CA GLY A 186 -10.38 20.08 -4.91
C GLY A 186 -9.80 20.31 -6.28
N VAL A 187 -8.70 21.03 -6.37
CA VAL A 187 -8.04 21.32 -7.68
C VAL A 187 -7.86 20.01 -8.47
N ASN A 188 -8.07 20.04 -9.78
CA ASN A 188 -7.95 18.87 -10.67
C ASN A 188 -8.94 17.77 -10.26
N GLY A 189 -10.01 18.12 -9.53
CA GLY A 189 -11.07 17.17 -9.13
C GLY A 189 -10.71 16.35 -7.90
N THR A 190 -9.80 16.84 -7.06
CA THR A 190 -9.28 16.10 -5.87
C THR A 190 -10.18 16.26 -4.64
N SER A 191 -11.49 16.50 -4.78
CA SER A 191 -12.38 16.73 -3.61
C SER A 191 -12.40 15.49 -2.70
N GLU A 192 -12.31 14.29 -3.26
CA GLU A 192 -12.50 13.05 -2.48
C GLU A 192 -11.28 12.76 -1.60
N PHE A 193 -10.17 13.51 -1.71
CA PHE A 193 -9.04 13.38 -0.77
C PHE A 193 -9.28 14.22 0.50
N HIS A 194 -10.49 14.76 0.68
CA HIS A 194 -10.92 15.43 1.95
C HIS A 194 -11.92 14.52 2.66
N ASN A 195 -11.75 13.20 2.54
CA ASN A 195 -12.62 12.18 3.19
C ASN A 195 -11.75 11.27 4.06
N ASN A 196 -12.37 10.38 4.83
CA ASN A 196 -11.65 9.38 5.63
C ASN A 196 -11.06 8.34 4.67
N PHE A 197 -9.85 7.89 4.94
CA PHE A 197 -9.17 6.82 4.20
C PHE A 197 -8.64 5.77 5.19
N PHE A 198 -8.74 4.52 4.81
CA PHE A 198 -8.15 3.42 5.61
C PHE A 198 -6.84 2.97 4.94
N ILE A 199 -6.09 2.19 5.68
CA ILE A 199 -4.73 1.74 5.33
C ILE A 199 -4.81 0.32 4.77
N LEU A 200 -3.95 0.04 3.81
CA LEU A 200 -3.72 -1.33 3.31
C LEU A 200 -2.23 -1.65 3.28
N LEU A 201 -1.93 -2.92 3.47
CA LEU A 201 -0.61 -3.53 3.20
C LEU A 201 -0.84 -4.76 2.34
N ASN A 202 -0.05 -4.94 1.29
CA ASN A 202 -0.12 -6.20 0.52
C ASN A 202 1.19 -6.43 -0.23
N MET A 203 1.39 -7.66 -0.66
CA MET A 203 2.39 -8.00 -1.70
C MET A 203 1.66 -8.79 -2.78
N ALA A 204 1.43 -8.19 -3.93
CA ALA A 204 0.85 -8.88 -5.10
C ALA A 204 1.99 -9.56 -5.85
N ILE A 205 1.66 -10.58 -6.61
CA ILE A 205 2.60 -11.24 -7.56
C ILE A 205 2.02 -11.12 -8.97
N GLY A 206 2.76 -10.43 -9.84
CA GLY A 206 2.35 -10.12 -11.22
C GLY A 206 1.16 -9.16 -11.29
N GLY A 207 0.81 -8.80 -12.52
CA GLY A 207 -0.22 -7.78 -12.78
C GLY A 207 0.17 -6.84 -13.90
N ASN A 208 -0.75 -5.94 -14.26
CA ASN A 208 -0.63 -5.09 -15.46
C ASN A 208 0.65 -4.26 -15.36
N TRP A 209 1.01 -3.80 -14.17
CA TRP A 209 2.18 -2.90 -14.02
C TRP A 209 3.49 -3.69 -13.89
N PRO A 210 3.66 -4.62 -12.92
CA PRO A 210 4.93 -5.37 -12.83
C PRO A 210 5.15 -6.33 -14.01
N GLY A 211 4.05 -6.72 -14.69
CA GLY A 211 4.09 -7.71 -15.78
C GLY A 211 3.90 -9.14 -15.31
N PHE A 212 4.09 -10.10 -16.21
CA PHE A 212 3.74 -11.52 -15.98
C PHE A 212 4.98 -12.40 -16.12
N ASN A 213 6.16 -11.80 -16.08
CA ASN A 213 7.43 -12.56 -16.00
C ASN A 213 7.76 -12.72 -14.51
N ILE A 214 7.67 -13.93 -13.99
CA ILE A 214 7.77 -14.20 -12.53
C ILE A 214 9.05 -14.97 -12.27
N ASP A 215 9.86 -14.46 -11.36
CA ASP A 215 11.09 -15.16 -10.91
C ASP A 215 10.63 -16.25 -9.95
N ASN A 216 10.38 -17.46 -10.43
CA ASN A 216 9.80 -18.51 -9.56
C ASN A 216 10.86 -19.04 -8.58
N ASN A 217 12.13 -18.69 -8.75
CA ASN A 217 13.24 -19.12 -7.86
C ASN A 217 13.43 -18.10 -6.73
N ALA A 218 12.55 -17.10 -6.62
CA ALA A 218 12.60 -16.04 -5.58
C ALA A 218 11.67 -16.39 -4.41
N PHE A 219 10.92 -17.49 -4.50
CA PHE A 219 9.91 -17.90 -3.50
C PHE A 219 10.51 -18.95 -2.57
N PRO A 220 10.17 -18.90 -1.25
CA PRO A 220 9.29 -17.89 -0.69
C PRO A 220 9.95 -16.51 -0.53
N ALA A 221 9.16 -15.44 -0.49
CA ALA A 221 9.69 -14.06 -0.45
C ALA A 221 9.04 -13.30 0.71
N ARG A 222 9.83 -12.52 1.45
CA ARG A 222 9.33 -11.90 2.71
C ARG A 222 9.30 -10.38 2.58
N MET A 223 8.16 -9.79 2.95
CA MET A 223 8.11 -8.34 3.23
C MET A 223 7.98 -8.15 4.74
N LEU A 224 8.88 -7.37 5.34
CA LEU A 224 8.87 -7.14 6.80
C LEU A 224 8.42 -5.71 7.08
N VAL A 225 7.49 -5.56 8.00
CA VAL A 225 6.95 -4.24 8.44
C VAL A 225 7.24 -4.12 9.94
N ASP A 226 8.20 -3.26 10.30
CA ASP A 226 8.55 -2.96 11.70
C ASP A 226 7.34 -2.31 12.38
N TYR A 227 6.67 -1.37 11.72
CA TYR A 227 5.51 -0.66 12.33
C TYR A 227 4.69 0.08 11.28
N VAL A 228 3.45 0.38 11.60
CA VAL A 228 2.61 1.40 10.91
C VAL A 228 2.09 2.41 11.95
N ARG A 229 2.07 3.70 11.58
CA ARG A 229 1.75 4.79 12.54
C ARG A 229 0.97 5.90 11.84
N VAL A 230 -0.01 6.47 12.52
CA VAL A 230 -0.79 7.62 12.01
C VAL A 230 -0.73 8.73 13.06
N TYR A 231 -0.25 9.92 12.69
CA TYR A 231 -0.27 11.15 13.53
C TYR A 231 -1.30 12.10 12.97
N GLN A 232 -1.80 13.02 13.79
CA GLN A 232 -2.70 14.09 13.29
C GLN A 232 -2.38 15.39 14.03
N LYS A 233 -2.80 16.52 13.43
CA LYS A 233 -2.90 17.86 14.07
C LYS A 233 -4.27 17.99 14.75
C1 GLC B . -3.09 1.44 -6.82
C2 GLC B . -3.90 0.63 -7.83
C3 GLC B . -4.57 -0.50 -7.21
C4 GLC B . -3.54 -1.32 -6.55
C5 GLC B . -2.81 -0.52 -5.48
C6 GLC B . -1.71 -1.33 -4.75
O1 GLC B . -3.93 2.25 -5.97
O2 GLC B . -4.77 1.53 -8.44
O3 GLC B . -5.23 -1.27 -8.17
O4 GLC B . -4.08 -2.47 -5.95
O5 GLC B . -2.15 0.59 -6.10
O6 GLC B . -0.62 -1.59 -5.58
C2 BGC B . -7.29 -1.68 -9.32
C3 BGC B . -8.73 -1.43 -9.34
C4 BGC B . -9.33 -1.73 -8.03
C5 BGC B . -8.60 -0.92 -6.97
C6 BGC B . -9.08 -1.25 -5.58
C1 BGC B . -6.57 -0.90 -8.25
O2 BGC B . -6.74 -1.20 -10.50
O3 BGC B . -9.34 -2.23 -10.30
O4 BGC B . -10.69 -1.39 -7.94
O5 BGC B . -7.17 -1.16 -6.97
O6 BGC B . -8.61 -2.51 -5.19
C2 BGC B . -12.73 -2.43 -7.30
C3 BGC B . -13.63 -3.57 -7.69
C4 BGC B . -13.63 -3.90 -9.15
C5 BGC B . -12.26 -3.78 -9.80
C6 BGC B . -12.67 -3.90 -11.26
C1 BGC B . -11.49 -2.50 -8.18
O2 BGC B . -12.32 -2.44 -5.95
O3 BGC B . -14.95 -3.13 -7.60
O4 BGC B . -14.39 -5.04 -9.46
O5 BGC B . -11.93 -2.48 -9.51
O6 BGC B . -11.64 -4.46 -11.98
C2 BGC B . -16.02 -5.39 -11.11
C3 BGC B . -17.48 -5.56 -11.17
C4 BGC B . -18.15 -5.48 -9.88
C5 BGC B . -17.73 -4.17 -9.22
C6 BGC B . -18.58 -3.90 -7.97
C1 BGC B . -15.51 -4.45 -10.03
O2 BGC B . -15.74 -4.79 -12.33
O3 BGC B . -17.80 -6.75 -11.84
O4 BGC B . -19.54 -5.44 -10.08
O5 BGC B . -16.35 -4.30 -8.88
O6 BGC B . -18.05 -4.49 -6.82
CA CA C . 7.82 -3.38 15.46
#